data_8TYP
#
_entry.id   8TYP
#
_cell.length_a   41.710
_cell.length_b   79.818
_cell.length_c   60.441
_cell.angle_alpha   90.00
_cell.angle_beta   95.67
_cell.angle_gamma   90.00
#
_symmetry.space_group_name_H-M   'P 1 21 1'
#
loop_
_entity.id
_entity.type
_entity.pdbx_description
1 polymer 'Complement C1s subcomponent'
2 branched beta-D-mannopyranose-(1-4)-2-acetamido-2-deoxy-beta-D-glucopyranose-(1-4)-[alpha-L-fucopyranose-(1-6)]2-acetamido-2-deoxy-beta-D-glucopyranose
3 non-polymer 6-(4-phenylpiperazin-1-yl)pyridine-3-carboximidamide
4 water water
#
_entity_poly.entity_id   1
_entity_poly.type   'polypeptide(L)'
_entity_poly.pdbx_seq_one_letter_code
;AEDCGIPESIENGKVEDPESTLFGSVIRYTCEEPYYYMENGGGGEYHCAGNGSWVNEVLGPELPKCVPVCGVPREPFEEK
QRIIGGSDADIKNFPWQVFFDNPWAGGALINEYWVLTAAHVVEGNREPTMYVGSTSVQTSRLAKSKMLTPEHVFIHPGWK
LLEVPEGRTNFDNDIALVRLKDPVKMGPTVSPICLPGTSSDYNLMDGDLGLISGWGRTEKRDRAVRLKAARLPVAPLRKC
KEVKVEKPTADAEAYVFTPNMICAGGEKGMDSCKGDSGGAFAVQDPNDKTKFYAAGLVSWGPQCGTYGLYTRVKNYVDWI
MKTMQENSTPREDGSGHHHHHHHH
;
_entity_poly.pdbx_strand_id   A
#
loop_
_chem_comp.id
_chem_comp.type
_chem_comp.name
_chem_comp.formula
BMA D-saccharide, beta linking beta-D-mannopyranose 'C6 H12 O6'
FUC L-saccharide, alpha linking alpha-L-fucopyranose 'C6 H12 O5'
NAG D-saccharide, beta linking 2-acetamido-2-deoxy-beta-D-glucopyranose 'C8 H15 N O6'
SQT non-polymer 6-(4-phenylpiperazin-1-yl)pyridine-3-carboximidamide 'C16 H19 N5'
#
# COMPACT_ATOMS: atom_id res chain seq x y z
N GLU A 2 21.87 -41.03 2.97
CA GLU A 2 22.07 -40.36 4.25
C GLU A 2 22.25 -38.85 4.07
N ASP A 3 22.71 -38.40 2.90
CA ASP A 3 23.00 -36.97 2.71
C ASP A 3 21.76 -36.26 2.16
N CYS A 4 21.26 -35.30 2.92
CA CYS A 4 20.18 -34.45 2.45
C CYS A 4 20.68 -33.26 1.63
N GLY A 5 21.98 -33.02 1.64
CA GLY A 5 22.59 -31.99 0.81
C GLY A 5 22.44 -30.59 1.39
N ILE A 6 23.23 -29.67 0.84
CA ILE A 6 23.11 -28.26 1.23
C ILE A 6 21.66 -27.82 1.02
N PRO A 7 21.02 -27.16 1.98
CA PRO A 7 19.61 -26.83 1.81
C PRO A 7 19.39 -25.84 0.67
N GLU A 8 18.25 -25.99 0.01
CA GLU A 8 17.84 -25.05 -1.02
C GLU A 8 17.40 -23.73 -0.39
N SER A 9 17.65 -22.65 -1.11
CA SER A 9 17.28 -21.35 -0.57
C SER A 9 15.82 -21.04 -0.89
N ILE A 10 15.25 -20.12 -0.13
CA ILE A 10 13.92 -19.62 -0.44
C ILE A 10 14.04 -18.13 -0.73
N GLU A 11 13.09 -17.61 -1.49
CA GLU A 11 13.07 -16.19 -1.75
C GLU A 11 12.73 -15.43 -0.48
N ASN A 12 13.47 -14.36 -0.22
CA ASN A 12 13.23 -13.45 0.90
C ASN A 12 13.38 -14.11 2.25
N GLY A 13 14.14 -15.21 2.28
CA GLY A 13 14.45 -15.91 3.50
C GLY A 13 15.88 -16.40 3.43
N LYS A 14 16.34 -16.94 4.55
CA LYS A 14 17.70 -17.48 4.64
C LYS A 14 17.69 -18.75 5.46
N VAL A 15 18.63 -19.64 5.15
CA VAL A 15 18.88 -20.81 5.97
C VAL A 15 20.36 -20.81 6.31
N GLU A 16 20.67 -20.82 7.59
CA GLU A 16 22.06 -20.84 8.02
C GLU A 16 22.72 -22.13 7.55
N ASP A 17 23.99 -22.02 7.20
CA ASP A 17 24.80 -23.17 6.79
C ASP A 17 24.75 -24.23 7.89
N PRO A 18 24.26 -25.43 7.60
CA PRO A 18 24.26 -26.48 8.62
C PRO A 18 25.66 -27.03 8.86
N GLU A 19 25.93 -27.36 10.12
CA GLU A 19 27.21 -27.98 10.43
C GLU A 19 27.32 -29.35 9.77
N SER A 20 26.19 -30.04 9.58
CA SER A 20 26.12 -31.33 8.90
C SER A 20 24.87 -31.36 8.02
N THR A 21 24.98 -32.00 6.87
CA THR A 21 23.81 -32.20 6.03
C THR A 21 23.34 -33.65 6.05
N LEU A 22 23.82 -34.45 7.00
CA LEU A 22 23.57 -35.88 7.04
C LEU A 22 22.38 -36.21 7.94
N PHE A 23 21.98 -37.48 7.92
CA PHE A 23 20.82 -37.97 8.65
C PHE A 23 20.74 -37.45 10.07
N GLY A 24 19.58 -36.92 10.45
CA GLY A 24 19.35 -36.45 11.80
C GLY A 24 19.81 -35.03 12.09
N SER A 25 20.49 -34.38 11.14
CA SER A 25 20.81 -32.96 11.29
C SER A 25 19.54 -32.12 11.14
N VAL A 26 19.64 -30.86 11.58
CA VAL A 26 18.52 -29.92 11.48
C VAL A 26 18.99 -28.62 10.85
N ILE A 27 18.07 -27.96 10.17
CA ILE A 27 18.24 -26.62 9.61
C ILE A 27 17.01 -25.82 9.98
N ARG A 28 17.13 -24.50 9.87
CA ARG A 28 16.03 -23.61 10.19
C ARG A 28 16.02 -22.49 9.17
N TYR A 29 14.89 -22.32 8.50
CA TYR A 29 14.69 -21.19 7.61
C TYR A 29 14.18 -20.01 8.42
N THR A 30 14.69 -18.84 8.10
CA THR A 30 14.17 -17.62 8.71
C THR A 30 13.88 -16.62 7.60
N CYS A 31 12.85 -15.83 7.80
CA CYS A 31 12.52 -14.85 6.77
C CYS A 31 13.32 -13.57 7.00
N GLU A 32 13.47 -12.78 5.93
CA GLU A 32 14.24 -11.54 5.99
C GLU A 32 13.47 -10.51 6.80
N GLU A 33 13.66 -10.50 8.11
CA GLU A 33 12.97 -9.56 8.98
C GLU A 33 13.71 -8.23 8.98
N PRO A 34 13.00 -7.11 9.21
CA PRO A 34 11.57 -7.01 9.55
C PRO A 34 10.65 -6.91 8.35
N TYR A 35 11.15 -7.15 7.14
CA TYR A 35 10.35 -6.91 5.95
C TYR A 35 9.49 -8.09 5.55
N TYR A 36 9.82 -9.30 5.99
CA TYR A 36 9.08 -10.49 5.62
C TYR A 36 8.79 -11.32 6.87
N TYR A 37 7.72 -12.11 6.80
CA TYR A 37 7.43 -13.07 7.85
C TYR A 37 7.05 -14.41 7.21
N MET A 38 7.05 -15.46 8.02
CA MET A 38 6.83 -16.80 7.48
C MET A 38 5.35 -17.14 7.48
N GLU A 39 4.83 -17.45 6.31
CA GLU A 39 3.43 -17.79 6.22
C GLU A 39 3.26 -19.16 6.83
N ASN A 40 2.18 -19.36 7.58
CA ASN A 40 1.97 -20.64 8.25
C ASN A 40 3.31 -21.25 8.60
N GLY A 41 3.72 -22.28 7.87
CA GLY A 41 5.05 -22.88 8.08
C GLY A 41 5.48 -22.87 9.51
N GLY A 42 5.00 -23.81 10.30
CA GLY A 42 5.29 -23.83 11.72
C GLY A 42 6.69 -23.85 12.28
N GLY A 43 7.49 -22.81 12.04
CA GLY A 43 8.78 -22.75 12.70
C GLY A 43 9.97 -22.66 11.78
N GLY A 44 9.80 -23.16 10.55
CA GLY A 44 10.89 -23.22 9.60
C GLY A 44 11.94 -24.27 9.87
N GLU A 45 11.70 -25.23 10.78
CA GLU A 45 12.72 -26.20 11.17
C GLU A 45 12.52 -27.53 10.43
N TYR A 46 13.60 -28.08 9.90
CA TYR A 46 13.60 -29.30 9.12
C TYR A 46 14.66 -30.22 9.70
N HIS A 47 14.39 -31.53 9.73
CA HIS A 47 15.48 -32.48 9.98
C HIS A 47 15.79 -33.28 8.72
N CYS A 48 17.00 -33.83 8.68
CA CYS A 48 17.39 -34.66 7.53
C CYS A 48 16.85 -36.07 7.75
N ALA A 49 15.85 -36.45 6.96
CA ALA A 49 15.22 -37.75 7.10
C ALA A 49 16.04 -38.85 6.42
N GLY A 50 15.70 -40.11 6.75
CA GLY A 50 16.43 -41.25 6.23
C GLY A 50 16.35 -41.41 4.72
N ASN A 51 15.32 -40.85 4.09
CA ASN A 51 15.19 -40.94 2.65
C ASN A 51 15.91 -39.80 1.92
N GLY A 52 16.64 -38.94 2.64
CA GLY A 52 17.46 -37.93 2.01
C GLY A 52 16.80 -36.58 1.82
N SER A 53 15.59 -36.40 2.32
CA SER A 53 14.88 -35.13 2.24
C SER A 53 14.97 -34.40 3.57
N TRP A 54 15.21 -33.10 3.51
CA TRP A 54 14.89 -32.23 4.64
C TRP A 54 13.38 -32.19 4.80
N VAL A 55 12.88 -32.51 5.99
CA VAL A 55 11.45 -32.65 6.22
C VAL A 55 11.03 -31.80 7.42
N ASN A 56 9.93 -31.07 7.26
CA ASN A 56 9.29 -30.23 8.26
C ASN A 56 7.97 -30.89 8.62
N GLU A 57 7.56 -30.79 9.88
CA GLU A 57 6.43 -31.61 10.29
C GLU A 57 5.12 -31.10 9.70
N VAL A 58 5.03 -29.80 9.42
CA VAL A 58 3.83 -29.24 8.82
C VAL A 58 3.90 -29.28 7.29
N LEU A 59 5.05 -28.92 6.72
CA LEU A 59 5.18 -28.76 5.28
C LEU A 59 5.78 -29.98 4.58
N GLY A 60 6.22 -30.99 5.31
CA GLY A 60 6.88 -32.11 4.70
C GLY A 60 8.15 -31.63 4.05
N PRO A 61 8.43 -32.10 2.83
CA PRO A 61 9.64 -31.66 2.12
C PRO A 61 9.50 -30.29 1.47
N GLU A 62 8.30 -29.71 1.46
CA GLU A 62 8.13 -28.41 0.84
C GLU A 62 8.79 -27.33 1.69
N LEU A 63 9.33 -26.25 0.99
CA LEU A 63 10.07 -25.18 1.66
C LEU A 63 9.11 -24.10 2.13
N PRO A 64 9.50 -23.33 3.14
CA PRO A 64 8.62 -22.28 3.65
C PRO A 64 8.50 -21.15 2.65
N LYS A 65 7.47 -20.34 2.87
CA LYS A 65 7.18 -19.16 2.05
C LYS A 65 7.30 -17.94 2.94
N CYS A 66 8.04 -16.93 2.48
CA CYS A 66 8.21 -15.68 3.21
C CYS A 66 7.37 -14.61 2.54
N VAL A 67 6.60 -13.88 3.34
CA VAL A 67 5.65 -12.95 2.73
C VAL A 67 5.82 -11.57 3.34
N PRO A 68 5.53 -10.48 2.60
CA PRO A 68 5.77 -9.14 3.14
C PRO A 68 5.00 -8.85 4.41
N VAL A 69 5.67 -8.16 5.35
CA VAL A 69 5.01 -7.53 6.49
C VAL A 69 4.42 -6.20 6.02
N CYS A 70 3.15 -5.95 6.37
CA CYS A 70 2.50 -4.72 5.93
C CYS A 70 2.42 -3.72 7.08
N GLY A 71 2.50 -2.45 6.71
CA GLY A 71 2.04 -1.39 7.57
C GLY A 71 3.07 -0.78 8.51
N VAL A 72 4.30 -1.30 8.57
CA VAL A 72 5.24 -0.84 9.59
C VAL A 72 6.41 -0.07 8.97
N PRO A 73 6.37 1.26 8.94
CA PRO A 73 7.53 2.02 8.45
C PRO A 73 8.74 1.79 9.33
N ARG A 74 9.92 1.84 8.73
CA ARG A 74 11.12 1.70 9.55
C ARG A 74 11.40 2.98 10.35
N GLU A 75 10.96 4.13 9.84
CA GLU A 75 11.19 5.40 10.54
C GLU A 75 9.86 6.16 10.64
N PRO A 76 9.39 6.47 11.84
CA PRO A 76 8.08 7.13 11.99
C PRO A 76 8.10 8.57 11.50
N PHE A 77 6.98 8.98 10.88
CA PHE A 77 6.88 10.35 10.39
C PHE A 77 6.82 11.33 11.56
N GLU A 78 7.54 12.44 11.41
CA GLU A 78 7.68 13.45 12.45
C GLU A 78 7.13 14.79 11.99
N GLU A 79 6.13 15.29 12.72
CA GLU A 79 5.58 16.64 12.55
C GLU A 79 4.89 16.81 11.21
N ILE A 83 0.32 18.18 -1.42
CA ILE A 83 0.02 18.33 0.01
C ILE A 83 0.11 19.79 0.41
N ILE A 84 -0.97 20.35 0.99
CA ILE A 84 -0.97 21.73 1.50
C ILE A 84 -0.66 21.71 2.98
N GLY A 85 0.25 22.58 3.42
CA GLY A 85 0.51 22.71 4.84
C GLY A 85 1.24 21.55 5.45
N GLY A 86 1.91 20.74 4.64
CA GLY A 86 2.62 19.58 5.12
C GLY A 86 4.07 19.91 5.41
N SER A 87 4.83 18.87 5.71
CA SER A 87 6.26 19.01 5.89
C SER A 87 6.96 17.90 5.13
N ASP A 88 8.28 18.04 5.00
CA ASP A 88 9.07 17.06 4.27
C ASP A 88 8.91 15.68 4.89
N ALA A 89 8.77 14.67 4.05
CA ALA A 89 8.75 13.29 4.50
C ALA A 89 9.80 12.51 3.73
N ASP A 90 10.27 11.44 4.35
CA ASP A 90 11.15 10.51 3.67
C ASP A 90 10.33 9.31 3.21
N ILE A 91 10.75 8.72 2.09
CA ILE A 91 10.07 7.53 1.62
C ILE A 91 10.10 6.43 2.67
N LYS A 92 11.10 6.46 3.58
CA LYS A 92 11.09 5.51 4.69
C LYS A 92 9.94 5.72 5.66
N ASN A 93 9.35 6.92 5.70
CA ASN A 93 8.17 7.14 6.53
C ASN A 93 6.91 6.59 5.87
N PHE A 94 6.89 6.51 4.54
CA PHE A 94 5.72 6.07 3.79
C PHE A 94 6.20 5.09 2.73
N PRO A 95 6.75 3.94 3.16
CA PRO A 95 7.39 3.02 2.20
C PRO A 95 6.42 2.37 1.25
N TRP A 96 5.12 2.48 1.51
CA TRP A 96 4.11 2.00 0.59
C TRP A 96 3.79 2.99 -0.51
N GLN A 97 4.35 4.19 -0.45
CA GLN A 97 3.96 5.21 -1.43
C GLN A 97 4.45 4.84 -2.82
N VAL A 98 3.57 4.93 -3.81
CA VAL A 98 3.88 4.72 -5.22
C VAL A 98 3.74 6.06 -5.93
N PHE A 99 4.63 6.31 -6.89
CA PHE A 99 4.56 7.51 -7.71
C PHE A 99 4.15 7.10 -9.11
N PHE A 100 3.13 7.75 -9.65
CA PHE A 100 2.73 7.65 -11.05
C PHE A 100 3.18 8.93 -11.74
N ASP A 101 3.84 8.81 -12.90
CA ASP A 101 4.22 10.02 -13.65
C ASP A 101 3.27 10.36 -14.80
N ASN A 102 2.30 9.52 -15.10
CA ASN A 102 1.41 9.71 -16.26
C ASN A 102 0.02 9.20 -15.92
N PRO A 103 -0.79 10.01 -15.25
CA PRO A 103 -0.54 11.38 -14.79
C PRO A 103 0.22 11.42 -13.47
N TRP A 104 0.76 12.58 -13.14
CA TRP A 104 1.39 12.81 -11.84
C TRP A 104 0.44 12.48 -10.70
N ALA A 105 0.71 11.42 -9.94
CA ALA A 105 -0.22 10.96 -8.92
C ALA A 105 0.48 9.95 -8.02
N GLY A 106 -0.28 9.41 -7.08
CA GLY A 106 0.23 8.43 -6.14
C GLY A 106 -0.58 7.15 -6.15
N GLY A 107 -0.10 6.22 -5.33
CA GLY A 107 -0.77 4.96 -5.08
C GLY A 107 -0.18 4.37 -3.82
N ALA A 108 -0.65 3.18 -3.49
CA ALA A 108 -0.23 2.51 -2.27
C ALA A 108 0.05 1.05 -2.62
N LEU A 109 1.27 0.62 -2.36
CA LEU A 109 1.60 -0.78 -2.49
C LEU A 109 0.87 -1.57 -1.41
N ILE A 110 0.17 -2.64 -1.80
CA ILE A 110 -0.56 -3.45 -0.83
C ILE A 110 -0.08 -4.90 -0.75
N ASN A 111 0.71 -5.36 -1.71
CA ASN A 111 1.47 -6.60 -1.55
C ASN A 111 2.46 -6.66 -2.70
N GLU A 112 3.19 -7.77 -2.80
CA GLU A 112 4.29 -7.78 -3.74
C GLU A 112 3.82 -7.75 -5.19
N TYR A 113 2.53 -7.97 -5.48
CA TYR A 113 2.05 -7.93 -6.85
C TYR A 113 0.99 -6.88 -7.14
N TRP A 114 0.63 -6.03 -6.16
CA TRP A 114 -0.54 -5.17 -6.36
C TRP A 114 -0.35 -3.78 -5.79
N VAL A 115 -0.75 -2.79 -6.58
CA VAL A 115 -0.76 -1.39 -6.19
C VAL A 115 -2.22 -0.94 -6.16
N LEU A 116 -2.60 -0.24 -5.10
CA LEU A 116 -3.94 0.34 -5.00
C LEU A 116 -3.85 1.83 -5.32
N THR A 117 -4.81 2.34 -6.09
CA THR A 117 -4.81 3.78 -6.41
C THR A 117 -6.24 4.21 -6.69
N ALA A 118 -6.42 5.49 -6.99
CA ALA A 118 -7.71 6.01 -7.41
C ALA A 118 -8.01 5.60 -8.84
N ALA A 119 -9.28 5.31 -9.13
CA ALA A 119 -9.65 5.00 -10.51
C ALA A 119 -9.27 6.14 -11.45
N HIS A 120 -9.42 7.39 -11.01
CA HIS A 120 -9.17 8.46 -11.97
C HIS A 120 -7.68 8.59 -12.30
N VAL A 121 -6.81 7.88 -11.58
CA VAL A 121 -5.38 7.91 -11.91
C VAL A 121 -5.09 7.02 -13.11
N VAL A 122 -5.79 5.88 -13.23
CA VAL A 122 -5.50 4.91 -14.29
C VAL A 122 -6.62 4.82 -15.32
N GLU A 123 -7.67 5.65 -15.23
CA GLU A 123 -8.78 5.50 -16.16
C GLU A 123 -8.35 5.74 -17.60
N GLY A 124 -7.32 6.55 -17.82
CA GLY A 124 -6.81 6.80 -19.15
C GLY A 124 -5.57 6.01 -19.55
N ASN A 125 -5.08 5.10 -18.71
CA ASN A 125 -3.76 4.51 -18.91
C ASN A 125 -3.81 3.01 -18.59
N ARG A 126 -3.82 2.18 -19.63
CA ARG A 126 -3.83 0.74 -19.43
C ARG A 126 -2.50 0.20 -18.93
N GLU A 127 -1.41 0.95 -19.09
CA GLU A 127 -0.07 0.46 -18.76
C GLU A 127 0.67 1.52 -17.96
N PRO A 128 0.20 1.83 -16.75
CA PRO A 128 0.78 2.98 -16.03
C PRO A 128 2.21 2.71 -15.58
N THR A 129 3.06 3.72 -15.74
CA THR A 129 4.42 3.68 -15.26
C THR A 129 4.42 4.07 -13.79
N MET A 130 5.12 3.30 -12.96
CA MET A 130 5.07 3.49 -11.51
C MET A 130 6.46 3.37 -10.92
N TYR A 131 6.68 4.08 -9.81
CA TYR A 131 7.99 4.08 -9.16
C TYR A 131 7.83 3.96 -7.66
N VAL A 132 8.75 3.24 -7.03
CA VAL A 132 8.77 3.10 -5.57
C VAL A 132 10.19 3.33 -5.07
N GLY A 133 10.30 3.58 -3.77
CA GLY A 133 11.59 3.54 -3.11
C GLY A 133 12.41 4.80 -3.13
N SER A 134 11.84 5.93 -3.58
CA SER A 134 12.58 7.18 -3.71
C SER A 134 11.78 8.31 -3.09
N THR A 135 12.45 9.11 -2.27
CA THR A 135 11.82 10.33 -1.75
C THR A 135 11.56 11.34 -2.85
N SER A 136 12.31 11.26 -3.95
CA SER A 136 12.19 12.19 -5.07
C SER A 136 11.39 11.58 -6.22
N VAL A 137 10.62 12.42 -6.93
CA VAL A 137 9.89 11.95 -8.11
C VAL A 137 10.87 11.60 -9.22
N GLN A 138 10.40 10.81 -10.17
CA GLN A 138 11.23 10.45 -11.31
C GLN A 138 10.33 10.02 -12.46
N THR A 139 10.93 9.97 -13.65
CA THR A 139 10.26 9.51 -14.86
C THR A 139 11.30 8.74 -15.67
N SER A 140 10.88 8.21 -16.82
CA SER A 140 11.82 7.47 -17.67
C SER A 140 11.60 7.78 -19.15
N SER A 145 15.40 3.03 -5.38
CA SER A 145 14.46 3.42 -6.42
C SER A 145 14.27 2.30 -7.43
N LYS A 146 13.05 2.15 -7.94
CA LYS A 146 12.71 1.00 -8.76
C LYS A 146 11.47 1.34 -9.56
N MET A 147 11.53 1.10 -10.88
CA MET A 147 10.36 1.23 -11.73
C MET A 147 9.59 -0.07 -11.76
N LEU A 148 8.27 0.01 -11.59
CA LEU A 148 7.43 -1.19 -11.52
C LEU A 148 6.70 -1.35 -12.85
N THR A 149 6.76 -2.56 -13.43
CA THR A 149 6.07 -2.76 -14.71
C THR A 149 4.68 -3.32 -14.46
N PRO A 150 3.64 -2.67 -14.98
CA PRO A 150 2.28 -3.16 -14.77
C PRO A 150 2.01 -4.40 -15.61
N GLU A 151 1.14 -5.25 -15.09
CA GLU A 151 0.60 -6.36 -15.87
C GLU A 151 -0.82 -6.10 -16.33
N HIS A 152 -1.67 -5.55 -15.47
CA HIS A 152 -3.05 -5.28 -15.88
C HIS A 152 -3.66 -4.30 -14.89
N VAL A 153 -4.55 -3.44 -15.40
CA VAL A 153 -5.28 -2.48 -14.58
C VAL A 153 -6.70 -3.00 -14.38
N PHE A 154 -7.18 -2.95 -13.13
CA PHE A 154 -8.54 -3.35 -12.79
C PHE A 154 -9.24 -2.14 -12.17
N ILE A 155 -10.10 -1.48 -12.92
CA ILE A 155 -10.84 -0.34 -12.37
C ILE A 155 -12.15 -0.84 -11.80
N HIS A 156 -12.54 -0.30 -10.65
CA HIS A 156 -13.78 -0.73 -10.03
C HIS A 156 -14.96 -0.54 -11.00
N PRO A 157 -15.87 -1.52 -11.11
CA PRO A 157 -16.96 -1.41 -12.09
C PRO A 157 -18.00 -0.37 -11.77
N GLY A 158 -18.01 0.18 -10.54
CA GLY A 158 -18.88 1.27 -10.19
C GLY A 158 -18.35 2.66 -10.51
N TRP A 159 -17.13 2.72 -11.05
CA TRP A 159 -16.54 3.96 -11.50
C TRP A 159 -17.16 4.38 -12.82
N LYS A 160 -17.67 5.61 -12.89
CA LYS A 160 -18.37 6.07 -14.09
C LYS A 160 -17.35 6.51 -15.13
N LEU A 161 -17.33 5.83 -16.27
CA LEU A 161 -16.44 6.21 -17.35
C LEU A 161 -17.04 7.37 -18.12
N LEU A 162 -16.21 8.35 -18.45
CA LEU A 162 -16.65 9.60 -19.05
C LEU A 162 -15.91 9.84 -20.37
N GLU A 163 -16.65 10.40 -21.35
CA GLU A 163 -16.01 10.83 -22.59
C GLU A 163 -15.08 12.02 -22.35
N VAL A 164 -15.45 12.91 -21.44
CA VAL A 164 -14.58 14.02 -21.05
C VAL A 164 -14.28 13.89 -19.56
N PRO A 165 -13.23 13.16 -19.19
CA PRO A 165 -12.99 12.91 -17.75
C PRO A 165 -12.63 14.15 -16.97
N GLU A 166 -12.03 15.17 -17.59
CA GLU A 166 -11.92 16.44 -16.90
C GLU A 166 -13.32 16.94 -16.61
N GLY A 167 -13.50 17.69 -15.54
CA GLY A 167 -14.88 18.07 -15.34
C GLY A 167 -15.85 16.96 -14.95
N ARG A 168 -15.33 15.79 -14.58
CA ARG A 168 -16.11 14.85 -13.78
C ARG A 168 -16.74 15.54 -12.59
N THR A 169 -17.97 15.16 -12.25
CA THR A 169 -18.59 15.58 -11.00
C THR A 169 -19.05 14.42 -10.15
N ASN A 170 -18.89 13.17 -10.60
CA ASN A 170 -19.25 11.99 -9.82
C ASN A 170 -18.02 11.13 -9.62
N PHE A 171 -17.36 11.28 -8.47
CA PHE A 171 -16.19 10.48 -8.13
C PHE A 171 -16.52 9.24 -7.31
N ASP A 172 -17.77 8.78 -7.31
CA ASP A 172 -18.11 7.59 -6.53
C ASP A 172 -17.30 6.40 -7.02
N ASN A 173 -16.88 5.54 -6.07
CA ASN A 173 -16.14 4.30 -6.38
C ASN A 173 -14.78 4.60 -7.03
N ASP A 174 -14.07 5.58 -6.50
CA ASP A 174 -12.81 6.02 -7.11
C ASP A 174 -11.68 5.12 -6.61
N ILE A 175 -11.60 3.92 -7.19
CA ILE A 175 -10.63 2.93 -6.72
C ILE A 175 -10.27 2.00 -7.87
N ALA A 176 -9.01 1.58 -7.88
CA ALA A 176 -8.49 0.69 -8.92
C ALA A 176 -7.31 -0.10 -8.34
N LEU A 177 -7.10 -1.28 -8.92
CA LEU A 177 -5.94 -2.11 -8.62
C LEU A 177 -5.05 -2.18 -9.86
N VAL A 178 -3.74 -2.19 -9.65
CA VAL A 178 -2.78 -2.47 -10.73
C VAL A 178 -2.00 -3.71 -10.34
N ARG A 179 -2.15 -4.77 -11.12
CA ARG A 179 -1.32 -5.96 -10.94
C ARG A 179 0.03 -5.73 -11.59
N LEU A 180 1.09 -6.17 -10.92
CA LEU A 180 2.44 -5.98 -11.40
C LEU A 180 2.96 -7.25 -12.06
N LYS A 181 3.86 -7.09 -13.04
CA LYS A 181 4.45 -8.22 -13.73
C LYS A 181 5.35 -9.03 -12.81
N ASP A 182 6.13 -8.36 -11.98
CA ASP A 182 7.14 -8.99 -11.15
C ASP A 182 6.92 -8.65 -9.68
N PRO A 183 7.26 -9.56 -8.78
CA PRO A 183 7.07 -9.29 -7.35
C PRO A 183 8.00 -8.17 -6.90
N VAL A 184 7.44 -7.24 -6.12
CA VAL A 184 8.21 -6.13 -5.58
C VAL A 184 9.09 -6.61 -4.44
N LYS A 185 10.36 -6.26 -4.48
CA LYS A 185 11.29 -6.58 -3.39
C LYS A 185 11.15 -5.56 -2.27
N MET A 186 10.82 -6.03 -1.07
CA MET A 186 10.60 -5.15 0.06
C MET A 186 11.90 -4.84 0.79
N GLY A 187 11.96 -3.65 1.37
CA GLY A 187 13.11 -3.23 2.12
C GLY A 187 12.83 -1.95 2.87
N PRO A 188 13.88 -1.28 3.33
CA PRO A 188 13.70 -0.06 4.13
C PRO A 188 12.93 1.04 3.42
N THR A 189 12.88 1.04 2.09
CA THR A 189 12.22 2.12 1.35
C THR A 189 10.99 1.66 0.59
N VAL A 190 10.66 0.36 0.63
CA VAL A 190 9.56 -0.22 -0.13
C VAL A 190 8.92 -1.29 0.74
N SER A 191 7.65 -1.09 1.11
CA SER A 191 6.92 -2.13 1.83
C SER A 191 5.44 -1.79 1.78
N PRO A 192 4.56 -2.79 1.84
CA PRO A 192 3.13 -2.52 1.62
C PRO A 192 2.48 -1.94 2.86
N ILE A 193 1.32 -1.33 2.63
CA ILE A 193 0.47 -0.86 3.72
C ILE A 193 -0.59 -1.91 3.94
N CYS A 194 -1.15 -1.97 5.14
CA CYS A 194 -2.20 -2.93 5.38
C CYS A 194 -3.53 -2.43 4.82
N LEU A 195 -4.45 -3.33 4.70
CA LEU A 195 -5.82 -3.05 4.34
C LEU A 195 -6.69 -2.99 5.58
N PRO A 196 -7.80 -2.25 5.54
CA PRO A 196 -8.74 -2.28 6.66
C PRO A 196 -9.34 -3.67 6.78
N GLY A 197 -9.71 -4.01 8.00
CA GLY A 197 -10.60 -5.14 8.20
C GLY A 197 -12.05 -4.75 7.94
N THR A 198 -12.92 -5.76 7.93
CA THR A 198 -14.34 -5.50 7.68
C THR A 198 -15.16 -5.30 8.94
N SER A 199 -14.57 -5.49 10.13
CA SER A 199 -15.32 -5.33 11.37
C SER A 199 -15.59 -3.85 11.64
N SER A 200 -16.46 -3.61 12.63
CA SER A 200 -16.82 -2.24 12.98
C SER A 200 -15.68 -1.47 13.64
N ASP A 201 -14.63 -2.17 14.06
CA ASP A 201 -13.43 -1.49 14.55
C ASP A 201 -12.87 -0.52 13.52
N TYR A 202 -13.12 -0.76 12.24
CA TYR A 202 -12.59 0.07 11.17
C TYR A 202 -13.58 1.10 10.66
N ASN A 203 -14.67 1.33 11.38
CA ASN A 203 -15.56 2.44 11.07
C ASN A 203 -14.93 3.71 11.61
N LEU A 204 -14.44 4.56 10.73
CA LEU A 204 -13.81 5.80 11.16
C LEU A 204 -14.81 6.68 11.91
N MET A 205 -14.31 7.44 12.88
CA MET A 205 -15.12 8.39 13.62
C MET A 205 -14.58 9.79 13.43
N ASP A 206 -15.48 10.76 13.54
CA ASP A 206 -15.12 12.16 13.40
C ASP A 206 -13.97 12.49 14.34
N GLY A 207 -12.95 13.16 13.81
CA GLY A 207 -11.80 13.51 14.60
C GLY A 207 -10.68 12.50 14.60
N ASP A 208 -10.92 11.27 14.16
CA ASP A 208 -9.83 10.29 14.02
C ASP A 208 -8.75 10.84 13.09
N LEU A 209 -7.49 10.63 13.46
CA LEU A 209 -6.36 11.18 12.72
C LEU A 209 -5.76 10.14 11.78
N GLY A 210 -5.28 10.62 10.64
CA GLY A 210 -4.48 9.81 9.75
C GLY A 210 -3.43 10.68 9.07
N LEU A 211 -2.63 10.04 8.23
CA LEU A 211 -1.57 10.73 7.51
C LEU A 211 -1.85 10.65 6.02
N ILE A 212 -1.52 11.73 5.30
CA ILE A 212 -1.52 11.72 3.84
C ILE A 212 -0.12 12.05 3.38
N SER A 213 0.25 11.54 2.21
CA SER A 213 1.61 11.76 1.70
C SER A 213 1.52 11.86 0.19
N GLY A 214 2.39 12.67 -0.40
CA GLY A 214 2.35 12.76 -1.84
C GLY A 214 3.24 13.86 -2.37
N TRP A 215 3.29 13.93 -3.70
CA TRP A 215 4.10 14.92 -4.39
C TRP A 215 3.22 15.94 -5.11
N GLY A 216 1.98 16.11 -4.67
CA GLY A 216 1.09 17.05 -5.31
C GLY A 216 1.45 18.49 -5.00
N ARG A 217 0.66 19.39 -5.58
CA ARG A 217 0.79 20.82 -5.34
C ARG A 217 0.85 21.13 -3.85
N THR A 218 1.75 22.06 -3.48
CA THR A 218 1.85 22.56 -2.11
C THR A 218 1.42 24.02 -2.10
N GLU A 219 1.49 24.64 -0.93
CA GLU A 219 1.12 26.06 -0.87
C GLU A 219 2.14 26.94 -1.58
N LYS A 220 3.30 26.42 -1.94
CA LYS A 220 4.32 27.24 -2.58
C LYS A 220 4.84 26.71 -3.92
N ARG A 221 4.43 25.53 -4.37
CA ARG A 221 4.97 24.98 -5.61
C ARG A 221 3.91 24.13 -6.29
N ASP A 222 3.89 24.17 -7.64
CA ASP A 222 2.78 23.53 -8.36
C ASP A 222 2.82 22.02 -8.21
N ARG A 223 4.01 21.45 -8.00
CA ARG A 223 4.17 20.05 -7.58
C ARG A 223 5.37 20.04 -6.63
N ALA A 224 5.54 18.92 -5.91
CA ALA A 224 6.66 18.74 -5.00
C ALA A 224 7.64 17.73 -5.58
N VAL A 225 8.92 18.11 -5.62
CA VAL A 225 9.95 17.19 -6.11
C VAL A 225 10.22 16.09 -5.08
N ARG A 226 10.15 16.43 -3.78
CA ARG A 226 10.39 15.47 -2.71
C ARG A 226 9.12 15.33 -1.87
N LEU A 227 8.96 14.14 -1.30
CA LEU A 227 7.70 13.75 -0.68
C LEU A 227 7.32 14.72 0.45
N LYS A 228 6.02 15.01 0.55
CA LYS A 228 5.49 15.79 1.66
C LYS A 228 4.44 14.93 2.36
N ALA A 229 4.13 15.30 3.60
CA ALA A 229 3.09 14.59 4.34
C ALA A 229 2.45 15.52 5.35
N ALA A 230 1.23 15.18 5.75
CA ALA A 230 0.49 15.97 6.73
C ALA A 230 -0.42 15.05 7.53
N ARG A 231 -0.72 15.47 8.76
CA ARG A 231 -1.68 14.75 9.60
C ARG A 231 -3.01 15.48 9.52
N LEU A 232 -4.09 14.72 9.35
CA LEU A 232 -5.42 15.29 9.06
C LEU A 232 -6.48 14.54 9.85
N PRO A 233 -7.52 15.23 10.34
CA PRO A 233 -8.62 14.53 11.02
C PRO A 233 -9.80 14.23 10.10
N VAL A 234 -10.45 13.08 10.33
CA VAL A 234 -11.74 12.82 9.71
C VAL A 234 -12.75 13.87 10.16
N ALA A 235 -13.62 14.28 9.26
CA ALA A 235 -14.66 15.24 9.55
C ALA A 235 -15.99 14.74 8.99
N PRO A 236 -17.11 15.23 9.51
CA PRO A 236 -18.41 14.85 8.94
C PRO A 236 -18.45 15.20 7.46
N LEU A 237 -19.03 14.28 6.68
CA LEU A 237 -19.15 14.49 5.24
C LEU A 237 -19.77 15.85 4.95
N ARG A 238 -20.66 16.31 5.84
CA ARG A 238 -21.30 17.62 5.74
C ARG A 238 -20.29 18.74 5.55
N LYS A 239 -19.15 18.67 6.24
CA LYS A 239 -18.16 19.74 6.17
C LYS A 239 -17.63 19.91 4.76
N CYS A 240 -17.42 18.81 4.05
CA CYS A 240 -16.94 18.87 2.68
C CYS A 240 -18.01 19.45 1.74
N LYS A 241 -19.26 19.03 1.92
CA LYS A 241 -20.36 19.57 1.11
C LYS A 241 -20.51 21.07 1.28
N GLU A 242 -20.18 21.60 2.46
CA GLU A 242 -20.43 23.00 2.75
C GLU A 242 -19.44 23.95 2.10
N VAL A 243 -18.25 23.46 1.71
CA VAL A 243 -17.21 24.34 1.22
C VAL A 243 -17.65 25.04 -0.06
N ALA A 254 -23.30 20.14 -8.37
CA ALA A 254 -23.61 18.92 -9.10
C ALA A 254 -22.76 17.76 -8.58
N TYR A 255 -21.75 18.07 -7.77
CA TYR A 255 -20.84 17.05 -7.27
C TYR A 255 -21.57 16.03 -6.42
N VAL A 256 -21.17 14.75 -6.55
CA VAL A 256 -21.82 13.63 -5.87
C VAL A 256 -21.04 13.29 -4.60
N PHE A 257 -21.76 13.15 -3.49
CA PHE A 257 -21.23 12.70 -2.22
C PHE A 257 -21.94 11.42 -1.82
N THR A 258 -21.18 10.39 -1.47
CA THR A 258 -21.70 9.08 -1.12
C THR A 258 -21.04 8.57 0.14
N PRO A 259 -21.60 7.52 0.76
CA PRO A 259 -20.92 6.86 1.88
C PRO A 259 -19.60 6.22 1.51
N ASN A 260 -19.28 6.11 0.21
CA ASN A 260 -17.98 5.60 -0.19
C ASN A 260 -16.90 6.66 -0.14
N MET A 261 -17.16 7.79 0.50
CA MET A 261 -16.21 8.88 0.58
C MET A 261 -16.03 9.28 2.04
N ILE A 262 -14.77 9.42 2.44
CA ILE A 262 -14.39 10.02 3.71
C ILE A 262 -14.12 11.49 3.49
N CYS A 263 -14.65 12.33 4.36
CA CYS A 263 -14.23 13.73 4.41
C CYS A 263 -13.15 13.87 5.48
N ALA A 264 -12.06 14.55 5.14
CA ALA A 264 -11.01 14.80 6.12
C ALA A 264 -10.36 16.14 5.83
N GLY A 265 -9.87 16.77 6.90
CA GLY A 265 -9.17 18.03 6.79
C GLY A 265 -9.78 19.07 7.71
N GLY A 266 -9.71 20.34 7.31
CA GLY A 266 -10.29 21.43 8.06
C GLY A 266 -9.40 22.05 9.11
N GLU A 267 -8.22 21.50 9.37
CA GLU A 267 -7.37 21.95 10.48
C GLU A 267 -6.07 22.52 9.95
N LYS A 268 -5.74 23.74 10.37
CA LYS A 268 -4.46 24.38 10.06
C LYS A 268 -4.23 24.54 8.57
N GLY A 269 -5.29 24.47 7.76
CA GLY A 269 -5.10 24.58 6.34
C GLY A 269 -4.37 23.41 5.71
N MET A 270 -4.22 22.31 6.44
CA MET A 270 -3.59 21.10 5.90
C MET A 270 -4.58 20.29 5.07
N ASP A 271 -4.13 19.82 3.89
CA ASP A 271 -5.05 19.25 2.93
C ASP A 271 -4.24 18.50 1.88
N SER A 272 -4.90 17.57 1.20
CA SER A 272 -4.33 17.03 -0.03
C SER A 272 -4.59 18.01 -1.17
N CYS A 273 -3.98 17.76 -2.33
CA CYS A 273 -4.16 18.65 -3.45
C CYS A 273 -3.94 17.88 -4.76
N LYS A 274 -4.05 18.63 -5.86
CA LYS A 274 -3.78 18.12 -7.18
C LYS A 274 -2.41 17.44 -7.23
N GLY A 275 -2.38 16.23 -7.77
CA GLY A 275 -1.14 15.47 -7.83
C GLY A 275 -0.95 14.51 -6.69
N ASP A 276 -1.75 14.62 -5.61
CA ASP A 276 -1.73 13.65 -4.52
C ASP A 276 -2.66 12.48 -4.75
N SER A 277 -3.52 12.57 -5.77
CA SER A 277 -4.48 11.55 -6.14
C SER A 277 -3.97 10.13 -5.96
N GLY A 278 -4.80 9.30 -5.33
CA GLY A 278 -4.53 7.88 -5.21
C GLY A 278 -3.62 7.50 -4.06
N GLY A 279 -2.99 8.47 -3.39
CA GLY A 279 -2.18 8.14 -2.24
C GLY A 279 -3.03 7.70 -1.07
N ALA A 280 -2.44 6.93 -0.17
CA ALA A 280 -3.20 6.39 0.95
C ALA A 280 -3.38 7.44 2.05
N PHE A 281 -4.59 7.50 2.60
CA PHE A 281 -4.86 8.14 3.90
C PHE A 281 -4.59 7.04 4.92
N ALA A 282 -3.42 7.10 5.55
CA ALA A 282 -2.88 6.03 6.37
C ALA A 282 -3.29 6.23 7.83
N VAL A 283 -3.95 5.24 8.41
CA VAL A 283 -4.48 5.32 9.76
C VAL A 283 -3.87 4.20 10.59
N GLN A 284 -3.52 4.51 11.83
CA GLN A 284 -2.98 3.50 12.73
C GLN A 284 -4.03 2.44 13.00
N ASP A 285 -3.65 1.18 12.88
CA ASP A 285 -4.59 0.09 13.03
C ASP A 285 -5.16 0.08 14.45
N PRO A 286 -6.48 0.02 14.62
CA PRO A 286 -7.05 0.09 15.97
C PRO A 286 -6.61 -1.04 16.89
N ASN A 287 -6.26 -2.20 16.34
CA ASN A 287 -5.88 -3.36 17.14
C ASN A 287 -4.37 -3.54 17.26
N ASP A 288 -3.58 -2.93 16.38
CA ASP A 288 -2.11 -2.98 16.47
C ASP A 288 -1.60 -1.59 16.12
N LYS A 289 -1.32 -0.80 17.16
CA LYS A 289 -0.98 0.60 17.02
C LYS A 289 0.31 0.83 16.23
N THR A 290 1.11 -0.21 16.02
CA THR A 290 2.37 -0.08 15.28
C THR A 290 2.22 -0.26 13.79
N LYS A 291 1.02 -0.63 13.31
CA LYS A 291 0.75 -0.86 11.90
C LYS A 291 -0.12 0.27 11.36
N PHE A 292 0.12 0.66 10.11
CA PHE A 292 -0.76 1.56 9.38
C PHE A 292 -1.57 0.79 8.36
N TYR A 293 -2.81 1.21 8.14
CA TYR A 293 -3.64 0.64 7.10
C TYR A 293 -4.18 1.76 6.22
N ALA A 294 -4.49 1.40 4.98
CA ALA A 294 -5.03 2.35 4.01
C ALA A 294 -6.51 2.52 4.26
N ALA A 295 -6.88 3.54 5.04
CA ALA A 295 -8.29 3.83 5.28
C ALA A 295 -8.92 4.57 4.12
N GLY A 296 -8.15 5.42 3.44
CA GLY A 296 -8.67 6.22 2.35
C GLY A 296 -7.67 6.29 1.21
N LEU A 297 -8.16 6.76 0.06
CA LEU A 297 -7.30 7.11 -1.08
C LEU A 297 -7.66 8.53 -1.49
N VAL A 298 -6.65 9.38 -1.69
CA VAL A 298 -6.93 10.75 -2.16
C VAL A 298 -7.78 10.70 -3.42
N SER A 299 -8.96 11.32 -3.39
CA SER A 299 -9.88 11.24 -4.53
C SER A 299 -10.10 12.61 -5.14
N TRP A 300 -10.78 13.52 -4.45
CA TRP A 300 -11.16 14.79 -5.04
C TRP A 300 -11.45 15.76 -3.90
N GLY A 301 -11.78 16.99 -4.25
CA GLY A 301 -12.20 17.92 -3.23
C GLY A 301 -12.45 19.30 -3.80
N PRO A 302 -12.93 20.22 -2.96
CA PRO A 302 -13.01 21.63 -3.36
C PRO A 302 -11.64 22.30 -3.32
N GLN A 303 -11.61 23.63 -3.19
CA GLN A 303 -10.34 24.36 -3.15
C GLN A 303 -9.38 23.70 -2.17
N CYS A 304 -8.13 23.55 -2.61
CA CYS A 304 -7.10 22.99 -1.75
C CYS A 304 -6.87 23.90 -0.54
N GLY A 305 -6.60 23.28 0.60
CA GLY A 305 -6.44 23.99 1.86
C GLY A 305 -7.70 24.04 2.69
N THR A 306 -8.71 23.26 2.35
CA THR A 306 -9.94 23.20 3.14
C THR A 306 -10.19 21.77 3.59
N TYR A 307 -10.98 21.01 2.83
CA TYR A 307 -11.27 19.62 3.12
C TYR A 307 -11.05 18.80 1.85
N GLY A 308 -10.93 17.49 2.02
CA GLY A 308 -10.80 16.60 0.88
C GLY A 308 -11.67 15.36 1.05
N LEU A 309 -12.01 14.76 -0.09
CA LEU A 309 -12.74 13.50 -0.10
C LEU A 309 -11.77 12.36 -0.41
N TYR A 310 -11.96 11.23 0.28
CA TYR A 310 -11.08 10.09 0.18
C TYR A 310 -11.94 8.86 -0.02
N THR A 311 -11.58 8.03 -1.01
CA THR A 311 -12.31 6.77 -1.20
C THR A 311 -12.24 5.94 0.08
N ARG A 312 -13.39 5.51 0.58
CA ARG A 312 -13.44 4.73 1.82
C ARG A 312 -13.03 3.30 1.53
N VAL A 313 -11.77 2.97 1.80
CA VAL A 313 -11.24 1.67 1.37
C VAL A 313 -11.98 0.50 2.02
N LYS A 314 -12.44 0.67 3.26
CA LYS A 314 -13.13 -0.42 3.95
C LYS A 314 -14.29 -0.98 3.14
N ASN A 315 -15.01 -0.11 2.41
CA ASN A 315 -16.15 -0.53 1.60
C ASN A 315 -15.75 -1.35 0.38
N TYR A 316 -14.45 -1.50 0.10
CA TYR A 316 -13.99 -2.20 -1.09
C TYR A 316 -13.13 -3.40 -0.78
N VAL A 317 -12.99 -3.76 0.50
CA VAL A 317 -12.10 -4.85 0.86
C VAL A 317 -12.52 -6.15 0.17
N ASP A 318 -13.82 -6.42 0.14
CA ASP A 318 -14.30 -7.64 -0.53
C ASP A 318 -13.91 -7.61 -2.00
N TRP A 319 -14.10 -6.47 -2.66
CA TRP A 319 -13.73 -6.35 -4.07
C TRP A 319 -12.22 -6.48 -4.25
N ILE A 320 -11.44 -5.88 -3.36
CA ILE A 320 -9.99 -5.96 -3.47
C ILE A 320 -9.54 -7.41 -3.35
N MET A 321 -10.07 -8.12 -2.35
CA MET A 321 -9.67 -9.50 -2.11
C MET A 321 -10.07 -10.39 -3.28
N LYS A 322 -11.28 -10.20 -3.80
CA LYS A 322 -11.75 -11.01 -4.92
C LYS A 322 -10.92 -10.76 -6.17
N THR A 323 -10.58 -9.50 -6.46
CA THR A 323 -9.80 -9.18 -7.65
C THR A 323 -8.42 -9.81 -7.58
N MET A 324 -7.78 -9.75 -6.41
CA MET A 324 -6.45 -10.33 -6.26
C MET A 324 -6.49 -11.85 -6.35
N GLN A 325 -7.49 -12.48 -5.71
CA GLN A 325 -7.56 -13.94 -5.71
C GLN A 325 -7.75 -14.47 -7.13
N GLU A 326 -8.64 -13.85 -7.89
CA GLU A 326 -8.98 -14.33 -9.23
C GLU A 326 -7.95 -13.94 -10.27
N ASN A 327 -6.90 -13.20 -9.90
CA ASN A 327 -5.87 -12.77 -10.83
C ASN A 327 -4.49 -13.05 -10.25
N SER A 328 -4.32 -14.22 -9.64
CA SER A 328 -3.07 -14.62 -9.04
C SER A 328 -2.06 -15.14 -10.08
C1 NAG B . 10.84 -38.55 2.28
C2 NAG B . 10.16 -38.28 0.94
C3 NAG B . 9.09 -37.20 1.08
C4 NAG B . 8.11 -37.56 2.19
C5 NAG B . 8.90 -37.81 3.47
C6 NAG B . 8.05 -38.25 4.64
C7 NAG B . 11.71 -38.76 -0.90
C8 NAG B . 12.70 -38.19 -1.88
N2 NAG B . 11.14 -37.90 -0.07
O3 NAG B . 8.42 -37.02 -0.16
O4 NAG B . 7.22 -36.48 2.40
O5 NAG B . 9.87 -38.85 3.26
O6 NAG B . 8.81 -38.14 5.85
O7 NAG B . 11.47 -39.97 -0.85
C1 NAG B . 5.94 -36.62 1.72
C2 NAG B . 4.86 -35.94 2.56
C3 NAG B . 3.52 -35.98 1.83
C4 NAG B . 3.67 -35.34 0.46
C5 NAG B . 4.78 -36.02 -0.32
C6 NAG B . 5.06 -35.35 -1.64
C7 NAG B . 4.68 -35.84 5.00
C8 NAG B . 4.55 -36.63 6.28
N2 NAG B . 4.74 -36.56 3.87
O3 NAG B . 2.54 -35.31 2.59
O4 NAG B . 2.44 -35.49 -0.25
O5 NAG B . 6.00 -36.01 0.43
O6 NAG B . 6.39 -35.59 -2.08
O7 NAG B . 4.73 -34.61 4.99
C1 BMA B . 1.79 -34.25 -0.61
C2 BMA B . 0.71 -34.63 -1.67
C3 BMA B . -0.27 -33.48 -1.93
C4 BMA B . -0.75 -32.86 -0.61
C5 BMA B . 0.47 -32.36 0.15
C6 BMA B . 0.14 -31.49 1.37
O2 BMA B . -0.05 -35.75 -1.25
O3 BMA B . -1.39 -33.90 -2.71
O4 BMA B . -1.65 -31.79 -0.86
O5 BMA B . 1.24 -33.53 0.53
O6 BMA B . -0.49 -32.30 2.36
C1 FUC B . 8.79 -39.34 6.65
C2 FUC B . 10.21 -39.59 7.21
C3 FUC B . 10.62 -38.45 8.24
C4 FUC B . 9.51 -38.28 9.29
C5 FUC B . 8.17 -38.07 8.62
C6 FUC B . 7.02 -38.03 9.63
O2 FUC B . 11.21 -39.80 6.18
O3 FUC B . 11.89 -38.73 8.93
O4 FUC B . 9.41 -39.47 10.03
O5 FUC B . 7.88 -39.19 7.71
C02 SQT C . -8.56 18.62 -1.81
C04 SQT C . -8.44 18.12 -3.25
C05 SQT C . -8.65 19.04 -4.27
C06 SQT C . -8.55 18.59 -5.57
C07 SQT C . -8.25 17.28 -5.80
C09 SQT C . -8.13 16.80 -3.53
C11 SQT C . -7.82 15.54 -7.64
C12 SQT C . -8.80 15.08 -8.70
C14 SQT C . -9.35 17.32 -9.29
C15 SQT C . -8.31 17.83 -8.29
C16 SQT C . -9.43 15.58 -11.07
C17 SQT C . -8.85 14.49 -11.68
C18 SQT C . -9.34 14.05 -12.90
C19 SQT C . -10.41 14.73 -13.49
C20 SQT C . -10.99 15.83 -12.87
C21 SQT C . -10.49 16.26 -11.64
N01 SQT C . -9.22 19.90 -1.58
N03 SQT C . -8.18 17.91 -0.86
N08 SQT C . -8.03 16.43 -4.80
N10 SQT C . -8.16 16.87 -7.19
N13 SQT C . -8.92 16.04 -9.80
#